data_7G96
#
_entry.id   7G96
#
_cell.length_a   70.720
_cell.length_b   70.720
_cell.length_c   196.030
_cell.angle_alpha   90.000
_cell.angle_beta   90.000
_cell.angle_gamma   90.000
#
_symmetry.space_group_name_H-M   'P 43 21 2'
#
loop_
_entity.id
_entity.type
_entity.pdbx_description
1 polymer 'Transforming protein RhoA'
2 polymer 'Rho guanine nucleotide exchange factor 2'
3 non-polymer 2-bromo-1H-imidazole
4 non-polymer 'DIMETHYL SULFOXIDE'
5 non-polymer 'FORMIC ACID'
6 water water
#
loop_
_entity_poly.entity_id
_entity_poly.type
_entity_poly.pdbx_seq_one_letter_code
_entity_poly.pdbx_strand_id
1 'polypeptide(L)'
;SMAAIRKKLVIVGDGACGKTCLLIVFSKDQFPEVYVPTVFENYVADIEVDGKQVELALWDTAGQEDYDRLRPLSYPDTDV
ILMCFSIDSPDSLENIPEKWTPEVKHFCPNVPIILVGNKKDLRNDEHTRRELAKMKQEPVKPEEGRDMANRIGAFGYMEC
SAKTKDGVREVFEMATRAALQARRG
;
A
2 'polypeptide(L)'
;SMEMDEKDFAADSWSLAVDSSFLQQHKKEVMKQQDVIYELIQTELHHVRTLKIMTRLFRTGMLEELHLEPGVVQGLFPCV
DELSDIHTRFLSQLLERRRQALCPGSTRNFVIHRLGDLLISQFSGPSAEQMCKTYSEFCSRHSKALKLYKELYARDKRFQ
QFIRKVTRPAVLKRHGVQECILLVTQRITKYPLLISRILQHSHGIEEERQDLTTALGLVKELLSNVDEGIYQLEKGARLQ
EIYNR
;
B
#
# COMPACT_ATOMS: atom_id res chain seq x y z
N ALA A 4 7.28 -24.59 2.35
CA ALA A 4 7.51 -23.13 2.34
C ALA A 4 6.88 -22.52 3.59
N ILE A 5 7.73 -21.98 4.47
CA ILE A 5 7.28 -21.26 5.64
C ILE A 5 6.98 -19.83 5.21
N ARG A 6 6.19 -19.11 6.00
CA ARG A 6 5.76 -17.78 5.61
C ARG A 6 6.36 -16.76 6.58
N LYS A 7 6.91 -15.67 6.03
CA LYS A 7 7.46 -14.59 6.83
C LYS A 7 7.00 -13.24 6.29
N LYS A 8 6.99 -12.20 7.15
CA LYS A 8 6.42 -10.91 6.79
C LYS A 8 7.48 -9.79 6.91
N LEU A 9 7.58 -9.00 5.85
CA LEU A 9 8.53 -7.92 5.78
C LEU A 9 7.78 -6.60 5.70
N VAL A 10 8.21 -5.59 6.43
CA VAL A 10 7.68 -4.24 6.29
C VAL A 10 8.84 -3.27 6.06
N ILE A 11 8.64 -2.33 5.16
CA ILE A 11 9.63 -1.29 4.91
CA ILE A 11 9.62 -1.28 4.90
C ILE A 11 9.11 0.02 5.49
N VAL A 12 9.93 0.65 6.32
CA VAL A 12 9.58 1.93 6.91
CA VAL A 12 9.62 1.92 6.95
C VAL A 12 10.60 2.94 6.41
N GLY A 13 10.29 4.23 6.60
CA GLY A 13 11.20 5.29 6.25
C GLY A 13 10.46 6.53 5.74
N ASP A 14 11.20 7.63 5.53
CA ASP A 14 10.58 8.91 5.23
C ASP A 14 10.01 8.88 3.81
N GLY A 15 8.98 9.71 3.56
CA GLY A 15 8.53 9.96 2.21
C GLY A 15 9.70 10.26 1.29
N ALA A 16 9.76 9.56 0.15
CA ALA A 16 10.86 9.71 -0.80
C ALA A 16 12.20 9.16 -0.27
N CYS A 17 12.17 8.11 0.58
CA CYS A 17 13.34 7.29 0.77
C CYS A 17 13.50 6.27 -0.37
N GLY A 18 12.50 6.18 -1.27
CA GLY A 18 12.53 5.27 -2.42
C GLY A 18 12.03 3.85 -2.10
N LYS A 19 11.30 3.73 -0.98
CA LYS A 19 10.87 2.43 -0.48
CA LYS A 19 10.86 2.44 -0.48
C LYS A 19 9.84 1.80 -1.42
N THR A 20 8.92 2.61 -1.95
CA THR A 20 7.93 2.14 -2.91
C THR A 20 8.64 1.63 -4.16
N CYS A 21 9.55 2.43 -4.76
CA CYS A 21 10.26 2.06 -5.97
CA CYS A 21 10.20 2.00 -6.00
C CYS A 21 10.97 0.71 -5.74
N LEU A 22 11.47 0.52 -4.51
CA LEU A 22 12.30 -0.65 -4.19
C LEU A 22 11.47 -1.92 -4.15
N LEU A 23 10.32 -1.87 -3.46
CA LEU A 23 9.40 -3.00 -3.42
C LEU A 23 8.95 -3.35 -4.83
N ILE A 24 8.74 -2.32 -5.66
CA ILE A 24 8.20 -2.51 -7.00
C ILE A 24 9.21 -3.26 -7.85
N VAL A 25 10.41 -2.72 -7.91
CA VAL A 25 11.47 -3.26 -8.76
C VAL A 25 11.76 -4.71 -8.38
N PHE A 26 11.65 -5.03 -7.09
CA PHE A 26 11.93 -6.39 -6.70
C PHE A 26 10.79 -7.33 -7.11
N SER A 27 9.54 -6.88 -6.95
CA SER A 27 8.40 -7.77 -7.07
C SER A 27 8.00 -7.98 -8.54
N LYS A 28 8.15 -6.93 -9.37
CA LYS A 28 7.92 -7.08 -10.80
C LYS A 28 9.07 -7.83 -11.45
N ASP A 29 8.68 -8.73 -12.37
CA ASP A 29 9.61 -9.62 -13.05
C ASP A 29 10.15 -8.94 -14.31
N GLN A 30 9.39 -8.00 -14.91
CA GLN A 30 9.91 -7.12 -15.96
C GLN A 30 10.09 -5.73 -15.37
N PHE A 31 11.30 -5.14 -15.55
CA PHE A 31 11.59 -3.81 -15.05
C PHE A 31 10.63 -2.77 -15.66
N PRO A 32 10.18 -1.76 -14.88
CA PRO A 32 9.26 -0.73 -15.39
C PRO A 32 9.93 0.33 -16.26
N GLU A 33 9.90 0.11 -17.59
CA GLU A 33 10.50 1.02 -18.55
C GLU A 33 9.49 2.11 -18.92
N VAL A 34 8.20 1.77 -18.82
CA VAL A 34 7.16 2.58 -19.44
C VAL A 34 6.48 3.45 -18.39
N TYR A 35 6.15 2.87 -17.24
CA TYR A 35 5.47 3.58 -16.18
C TYR A 35 5.90 2.97 -14.85
N VAL A 36 6.33 3.82 -13.91
CA VAL A 36 6.58 3.36 -12.55
C VAL A 36 5.34 3.69 -11.73
N PRO A 37 4.67 2.68 -11.14
CA PRO A 37 3.43 2.90 -10.38
C PRO A 37 3.63 3.87 -9.23
N THR A 38 2.57 4.60 -8.91
CA THR A 38 2.54 5.49 -7.79
C THR A 38 2.54 4.70 -6.49
N VAL A 39 1.92 3.52 -6.48
CA VAL A 39 1.67 2.82 -5.22
C VAL A 39 2.02 1.33 -5.36
N PHE A 40 2.16 0.71 -4.18
CA PHE A 40 2.36 -0.71 -4.00
C PHE A 40 1.27 -1.23 -3.05
N GLU A 41 0.65 -2.36 -3.39
CA GLU A 41 -0.41 -2.92 -2.55
C GLU A 41 0.17 -3.95 -1.56
N ASN A 42 0.51 -5.13 -2.08
CA ASN A 42 1.33 -6.10 -1.40
C ASN A 42 1.88 -7.04 -2.47
N TYR A 43 2.65 -8.02 -2.06
CA TYR A 43 3.26 -9.00 -2.93
C TYR A 43 3.77 -10.10 -2.03
N VAL A 44 3.78 -11.34 -2.50
CA VAL A 44 4.29 -12.48 -1.75
C VAL A 44 5.35 -13.17 -2.59
N ALA A 45 6.63 -13.00 -2.24
CA ALA A 45 7.74 -13.52 -3.01
C ALA A 45 8.08 -14.92 -2.53
N ASP A 46 8.34 -15.79 -3.50
CA ASP A 46 8.90 -17.10 -3.26
C ASP A 46 10.39 -16.96 -3.40
N ILE A 47 11.09 -17.19 -2.30
CA ILE A 47 12.52 -16.96 -2.25
CA ILE A 47 12.52 -16.98 -2.27
C ILE A 47 13.18 -18.24 -1.74
N GLU A 48 14.26 -18.67 -2.39
CA GLU A 48 15.07 -19.75 -1.85
CA GLU A 48 15.08 -19.75 -1.89
C GLU A 48 16.37 -19.11 -1.38
N VAL A 49 16.63 -19.18 -0.07
CA VAL A 49 17.86 -18.61 0.46
C VAL A 49 18.62 -19.66 1.29
N ASP A 50 19.82 -19.98 0.81
CA ASP A 50 20.75 -20.84 1.52
C ASP A 50 20.11 -22.22 1.70
N GLY A 51 19.37 -22.69 0.70
CA GLY A 51 18.70 -23.98 0.75
C GLY A 51 17.32 -24.01 1.44
N LYS A 52 16.75 -22.86 1.87
CA LYS A 52 15.43 -22.84 2.48
C LYS A 52 14.46 -22.07 1.61
N GLN A 53 13.25 -22.63 1.41
CA GLN A 53 12.20 -21.98 0.63
CA GLN A 53 12.19 -22.01 0.64
C GLN A 53 11.32 -21.19 1.59
N VAL A 54 11.16 -19.89 1.29
CA VAL A 54 10.31 -19.02 2.09
C VAL A 54 9.33 -18.26 1.18
N GLU A 55 8.09 -18.14 1.67
CA GLU A 55 7.13 -17.16 1.19
C GLU A 55 7.29 -15.89 2.03
N LEU A 56 7.55 -14.77 1.35
CA LEU A 56 7.84 -13.52 2.00
C LEU A 56 6.83 -12.46 1.54
N ALA A 57 5.88 -12.10 2.43
CA ALA A 57 4.92 -11.03 2.18
C ALA A 57 5.56 -9.68 2.43
N LEU A 58 5.47 -8.80 1.42
CA LEU A 58 6.09 -7.48 1.44
C LEU A 58 5.01 -6.42 1.64
N TRP A 59 5.36 -5.40 2.41
CA TRP A 59 4.43 -4.33 2.74
C TRP A 59 5.18 -3.01 2.85
N ASP A 60 4.44 -1.95 2.54
CA ASP A 60 4.93 -0.59 2.45
C ASP A 60 4.20 0.23 3.52
N THR A 61 4.81 1.32 3.99
CA THR A 61 4.14 2.23 4.91
C THR A 61 3.94 3.58 4.22
N ALA A 62 4.10 3.61 2.89
CA ALA A 62 3.87 4.80 2.07
C ALA A 62 2.49 5.38 2.33
N GLY A 63 2.47 6.68 2.63
CA GLY A 63 1.25 7.43 2.88
C GLY A 63 0.82 7.40 4.34
N GLN A 64 1.51 6.59 5.15
CA GLN A 64 1.12 6.34 6.52
C GLN A 64 1.92 7.26 7.46
N GLU A 65 2.84 8.08 6.90
CA GLU A 65 3.90 8.73 7.67
C GLU A 65 3.37 9.84 8.58
N ASP A 66 2.19 10.40 8.28
CA ASP A 66 1.62 11.47 9.09
C ASP A 66 0.49 10.99 9.97
N TYR A 67 0.15 9.70 9.88
CA TYR A 67 -1.01 9.16 10.59
C TYR A 67 -0.54 8.18 11.67
N ASP A 68 -0.39 8.71 12.89
CA ASP A 68 0.37 8.02 13.93
C ASP A 68 -0.42 6.87 14.53
N ARG A 69 -1.73 6.79 14.27
CA ARG A 69 -2.56 5.71 14.81
C ARG A 69 -2.99 4.75 13.69
N LEU A 70 -2.74 5.11 12.45
CA LEU A 70 -2.95 4.18 11.34
C LEU A 70 -1.69 3.37 11.12
N ARG A 71 -0.56 4.06 11.03
CA ARG A 71 0.70 3.44 10.65
C ARG A 71 0.96 2.15 11.41
N PRO A 72 0.76 2.11 12.75
CA PRO A 72 1.16 0.96 13.55
C PRO A 72 0.42 -0.30 13.18
N LEU A 73 -0.72 -0.13 12.50
CA LEU A 73 -1.52 -1.28 12.11
C LEU A 73 -0.80 -2.11 11.05
N SER A 74 0.31 -1.59 10.50
CA SER A 74 1.10 -2.34 9.53
C SER A 74 2.03 -3.32 10.23
N TYR A 75 2.19 -3.23 11.55
CA TYR A 75 3.31 -3.90 12.21
C TYR A 75 3.00 -5.30 12.74
N PRO A 76 1.76 -5.67 13.11
CA PRO A 76 1.52 -6.98 13.72
C PRO A 76 2.21 -8.10 12.96
N ASP A 77 2.97 -8.95 13.67
CA ASP A 77 3.52 -10.21 13.17
C ASP A 77 4.60 -9.99 12.09
N THR A 78 5.21 -8.79 12.06
CA THR A 78 6.37 -8.54 11.23
C THR A 78 7.54 -9.41 11.71
N ASP A 79 8.30 -9.96 10.76
CA ASP A 79 9.44 -10.80 11.08
C ASP A 79 10.76 -10.13 10.71
N VAL A 80 10.73 -9.14 9.79
CA VAL A 80 11.89 -8.31 9.53
C VAL A 80 11.46 -6.90 9.07
N ILE A 81 12.20 -5.89 9.53
CA ILE A 81 11.98 -4.49 9.16
C ILE A 81 13.12 -4.02 8.25
N LEU A 82 12.80 -3.48 7.07
CA LEU A 82 13.78 -2.73 6.31
C LEU A 82 13.57 -1.25 6.62
N MET A 83 14.60 -0.62 7.17
CA MET A 83 14.56 0.78 7.53
CA MET A 83 14.58 0.78 7.55
C MET A 83 15.33 1.55 6.46
N CYS A 84 14.60 2.32 5.66
CA CYS A 84 15.14 2.92 4.45
CA CYS A 84 15.14 2.93 4.44
C CYS A 84 15.40 4.41 4.62
N PHE A 85 16.45 4.88 3.95
CA PHE A 85 16.71 6.29 3.80
C PHE A 85 17.31 6.46 2.41
N SER A 86 17.31 7.71 1.96
CA SER A 86 17.86 8.04 0.67
C SER A 86 19.23 8.66 0.83
N ILE A 87 20.20 8.15 0.07
CA ILE A 87 21.58 8.58 0.12
C ILE A 87 21.70 10.03 -0.37
N ASP A 88 20.69 10.53 -1.06
CA ASP A 88 20.74 11.91 -1.53
C ASP A 88 19.98 12.81 -0.57
N SER A 89 19.55 12.29 0.58
CA SER A 89 18.84 13.09 1.55
C SER A 89 19.40 12.88 2.96
N PRO A 90 20.51 13.55 3.34
CA PRO A 90 21.04 13.47 4.71
C PRO A 90 20.06 13.82 5.84
N ASP A 91 19.05 14.64 5.57
CA ASP A 91 18.04 14.93 6.57
C ASP A 91 17.18 13.68 6.82
N SER A 92 17.02 12.80 5.81
CA SER A 92 16.26 11.57 5.97
C SER A 92 17.00 10.58 6.87
N LEU A 93 18.33 10.74 6.96
CA LEU A 93 19.19 9.91 7.78
C LEU A 93 19.21 10.38 9.23
N GLU A 94 19.10 11.69 9.44
CA GLU A 94 19.07 12.27 10.77
C GLU A 94 17.86 11.73 11.55
N ASN A 95 16.76 11.42 10.84
CA ASN A 95 15.49 11.06 11.45
C ASN A 95 15.42 9.60 11.88
N ILE A 96 16.31 8.77 11.33
CA ILE A 96 16.31 7.35 11.62
C ILE A 96 16.30 7.07 13.13
N PRO A 97 17.30 7.58 13.90
CA PRO A 97 17.38 7.27 15.34
C PRO A 97 16.34 7.97 16.24
N GLU A 98 15.98 9.21 15.87
CA GLU A 98 15.08 9.99 16.68
C GLU A 98 13.66 9.43 16.63
N LYS A 99 13.16 9.16 15.40
CA LYS A 99 11.74 9.00 15.15
C LYS A 99 11.40 7.53 14.87
N TRP A 100 12.04 6.95 13.84
CA TRP A 100 11.70 5.63 13.31
C TRP A 100 12.15 4.49 14.23
N THR A 101 13.36 4.58 14.79
CA THR A 101 13.91 3.47 15.55
C THR A 101 13.10 3.24 16.83
N PRO A 102 12.80 4.27 17.65
CA PRO A 102 12.00 4.06 18.87
C PRO A 102 10.65 3.42 18.59
N GLU A 103 10.03 3.85 17.49
CA GLU A 103 8.72 3.38 17.10
C GLU A 103 8.78 1.90 16.81
N VAL A 104 9.77 1.52 16.00
CA VAL A 104 9.87 0.16 15.50
C VAL A 104 10.24 -0.75 16.65
N LYS A 105 10.97 -0.23 17.64
CA LYS A 105 11.41 -1.06 18.73
C LYS A 105 10.26 -1.26 19.69
N HIS A 106 9.43 -0.23 19.86
CA HIS A 106 8.21 -0.31 20.65
C HIS A 106 7.28 -1.38 20.08
N PHE A 107 6.91 -1.26 18.80
CA PHE A 107 5.84 -2.09 18.25
C PHE A 107 6.40 -3.41 17.74
N CYS A 108 7.71 -3.45 17.45
CA CYS A 108 8.33 -4.65 16.92
C CYS A 108 9.55 -5.04 17.76
N PRO A 109 9.36 -5.34 19.06
CA PRO A 109 10.46 -5.76 19.93
C PRO A 109 11.12 -7.07 19.47
N ASN A 110 12.46 -7.04 19.40
CA ASN A 110 13.30 -8.19 19.05
C ASN A 110 13.26 -8.54 17.56
N VAL A 111 12.64 -7.68 16.73
CA VAL A 111 12.56 -7.92 15.29
C VAL A 111 13.80 -7.33 14.63
N PRO A 112 14.54 -8.11 13.82
CA PRO A 112 15.72 -7.56 13.16
C PRO A 112 15.37 -6.37 12.27
N ILE A 113 16.22 -5.34 12.36
CA ILE A 113 16.20 -4.21 11.45
C ILE A 113 17.41 -4.26 10.52
N ILE A 114 17.18 -4.20 9.22
CA ILE A 114 18.26 -3.93 8.28
C ILE A 114 18.13 -2.48 7.83
N LEU A 115 19.21 -1.72 7.93
CA LEU A 115 19.22 -0.35 7.45
C LEU A 115 19.66 -0.38 5.99
N VAL A 116 18.89 0.29 5.12
CA VAL A 116 19.11 0.22 3.69
C VAL A 116 19.22 1.63 3.15
N GLY A 117 20.38 1.96 2.58
CA GLY A 117 20.54 3.20 1.87
C GLY A 117 20.14 3.06 0.40
N ASN A 118 18.99 3.65 0.03
CA ASN A 118 18.46 3.58 -1.32
CA ASN A 118 18.52 3.53 -1.34
C ASN A 118 19.16 4.63 -2.19
N LYS A 119 19.06 4.46 -3.52
CA LYS A 119 19.41 5.51 -4.48
C LYS A 119 20.90 5.81 -4.47
N LYS A 120 21.72 4.75 -4.52
CA LYS A 120 23.15 4.91 -4.34
C LYS A 120 23.79 5.40 -5.63
N ASP A 121 23.09 5.24 -6.74
CA ASP A 121 23.50 5.76 -8.03
C ASP A 121 23.76 7.26 -7.93
N LEU A 122 22.93 7.97 -7.16
CA LEU A 122 22.96 9.42 -7.06
C LEU A 122 24.21 9.93 -6.33
N ARG A 123 25.05 9.02 -5.81
CA ARG A 123 26.22 9.45 -5.07
C ARG A 123 27.19 10.09 -6.06
N ASN A 124 27.08 9.72 -7.34
CA ASN A 124 27.96 10.26 -8.35
C ASN A 124 27.15 10.91 -9.48
N ASP A 125 26.00 11.47 -9.11
CA ASP A 125 25.20 12.26 -10.03
C ASP A 125 25.53 13.73 -9.79
N GLU A 126 25.71 14.45 -10.91
CA GLU A 126 26.24 15.80 -10.91
C GLU A 126 25.24 16.74 -10.26
N HIS A 127 23.98 16.66 -10.73
CA HIS A 127 22.88 17.50 -10.29
C HIS A 127 22.69 17.39 -8.79
N THR A 128 22.97 16.19 -8.23
CA THR A 128 22.74 15.94 -6.82
C THR A 128 23.85 16.60 -5.99
N ARG A 129 25.10 16.42 -6.42
CA ARG A 129 26.25 17.02 -5.78
C ARG A 129 26.00 18.53 -5.62
N ARG A 130 25.71 19.20 -6.76
CA ARG A 130 25.42 20.63 -6.82
C ARG A 130 24.27 21.02 -5.90
N GLU A 131 23.15 20.31 -5.99
CA GLU A 131 21.96 20.65 -5.24
C GLU A 131 22.22 20.58 -3.74
N LEU A 132 23.04 19.61 -3.31
CA LEU A 132 23.29 19.43 -1.89
C LEU A 132 24.33 20.44 -1.40
N ALA A 133 25.25 20.83 -2.31
CA ALA A 133 26.22 21.88 -2.02
C ALA A 133 25.53 23.18 -1.57
N LYS A 134 24.48 23.62 -2.29
CA LYS A 134 23.77 24.85 -1.98
C LYS A 134 23.26 24.87 -0.54
N MET A 135 23.08 23.68 0.07
CA MET A 135 22.56 23.59 1.43
C MET A 135 23.67 23.19 2.40
N LYS A 136 24.92 23.10 1.91
CA LYS A 136 26.11 22.89 2.72
C LYS A 136 26.31 21.39 3.01
N GLN A 137 25.75 20.51 2.17
CA GLN A 137 25.66 19.09 2.47
C GLN A 137 26.34 18.28 1.37
N GLU A 138 26.49 16.98 1.64
CA GLU A 138 27.05 16.02 0.69
C GLU A 138 26.20 14.76 0.74
N PRO A 139 26.16 13.95 -0.33
CA PRO A 139 25.59 12.61 -0.27
C PRO A 139 26.13 11.80 0.92
N VAL A 140 25.22 11.12 1.61
CA VAL A 140 25.59 10.23 2.70
C VAL A 140 26.73 9.32 2.23
N LYS A 141 27.74 9.19 3.09
CA LYS A 141 28.92 8.40 2.78
C LYS A 141 28.71 6.98 3.33
N PRO A 142 29.36 5.95 2.72
CA PRO A 142 29.23 4.59 3.23
C PRO A 142 29.37 4.47 4.74
N GLU A 143 30.37 5.16 5.31
CA GLU A 143 30.70 5.00 6.71
C GLU A 143 29.67 5.69 7.60
N GLU A 144 28.98 6.69 7.09
CA GLU A 144 27.93 7.29 7.90
C GLU A 144 26.77 6.31 7.93
N GLY A 145 26.53 5.67 6.78
CA GLY A 145 25.65 4.53 6.72
C GLY A 145 25.95 3.50 7.80
N ARG A 146 27.13 2.88 7.71
CA ARG A 146 27.49 1.83 8.66
C ARG A 146 27.40 2.32 10.09
N ASP A 147 27.86 3.56 10.37
CA ASP A 147 27.87 4.12 11.72
C ASP A 147 26.46 4.26 12.30
N MET A 148 25.49 4.75 11.52
CA MET A 148 24.14 4.88 12.05
C MET A 148 23.56 3.50 12.36
N ALA A 149 23.75 2.55 11.43
CA ALA A 149 23.28 1.17 11.58
C ALA A 149 23.78 0.57 12.89
N ASN A 150 25.09 0.75 13.15
CA ASN A 150 25.75 0.37 14.40
C ASN A 150 25.03 0.96 15.61
N ARG A 151 24.81 2.28 15.57
CA ARG A 151 24.33 3.04 16.71
C ARG A 151 22.92 2.59 17.13
N ILE A 152 22.05 2.25 16.17
CA ILE A 152 20.67 1.90 16.47
C ILE A 152 20.53 0.39 16.68
N GLY A 153 21.60 -0.38 16.54
CA GLY A 153 21.53 -1.81 16.81
C GLY A 153 20.91 -2.58 15.66
N ALA A 154 21.10 -2.09 14.44
CA ALA A 154 20.69 -2.81 13.25
C ALA A 154 21.36 -4.19 13.19
N PHE A 155 20.67 -5.13 12.54
CA PHE A 155 21.19 -6.45 12.23
C PHE A 155 22.25 -6.34 11.15
N GLY A 156 22.10 -5.39 10.24
CA GLY A 156 23.19 -5.03 9.35
C GLY A 156 22.87 -3.78 8.52
N TYR A 157 23.75 -3.46 7.57
CA TYR A 157 23.66 -2.26 6.77
C TYR A 157 23.90 -2.65 5.33
N MET A 158 23.03 -2.15 4.42
CA MET A 158 23.11 -2.49 3.02
C MET A 158 22.72 -1.28 2.17
N GLU A 159 23.21 -1.28 0.94
CA GLU A 159 22.94 -0.22 -0.03
C GLU A 159 22.46 -0.82 -1.36
N CYS A 160 21.58 -0.10 -2.02
CA CYS A 160 21.05 -0.55 -3.28
C CYS A 160 20.63 0.66 -4.09
N SER A 161 20.41 0.38 -5.38
CA SER A 161 19.82 1.32 -6.32
C SER A 161 18.63 0.67 -7.03
N ALA A 162 17.42 1.18 -6.79
CA ALA A 162 16.25 0.66 -7.49
C ALA A 162 16.25 1.04 -8.97
N LYS A 163 16.86 2.16 -9.34
CA LYS A 163 16.95 2.57 -10.74
C LYS A 163 17.72 1.55 -11.59
N THR A 164 18.80 0.98 -11.06
CA THR A 164 19.65 0.06 -11.81
C THR A 164 19.50 -1.41 -11.37
N LYS A 165 18.77 -1.66 -10.25
CA LYS A 165 18.57 -2.99 -9.68
C LYS A 165 19.80 -3.51 -8.93
N ASP A 166 20.83 -2.67 -8.75
CA ASP A 166 22.04 -3.12 -8.11
C ASP A 166 21.81 -3.20 -6.61
N GLY A 167 22.00 -4.41 -6.05
CA GLY A 167 21.91 -4.67 -4.62
C GLY A 167 20.53 -5.14 -4.19
N VAL A 168 19.57 -5.08 -5.10
CA VAL A 168 18.19 -5.22 -4.69
C VAL A 168 17.95 -6.67 -4.31
N ARG A 169 18.34 -7.63 -5.17
CA ARG A 169 18.14 -9.04 -4.85
C ARG A 169 18.74 -9.38 -3.50
N GLU A 170 19.95 -8.85 -3.25
CA GLU A 170 20.72 -9.19 -2.07
C GLU A 170 20.01 -8.69 -0.79
N VAL A 171 19.34 -7.53 -0.86
CA VAL A 171 18.66 -6.97 0.29
C VAL A 171 17.58 -7.94 0.77
N PHE A 172 16.79 -8.45 -0.19
CA PHE A 172 15.63 -9.27 0.13
C PHE A 172 16.09 -10.67 0.55
N GLU A 173 17.16 -11.18 -0.07
CA GLU A 173 17.73 -12.43 0.40
C GLU A 173 18.18 -12.29 1.86
N MET A 174 18.88 -11.21 2.20
CA MET A 174 19.41 -11.08 3.54
C MET A 174 18.27 -10.92 4.54
N ALA A 175 17.26 -10.12 4.15
CA ALA A 175 16.11 -9.91 5.02
C ALA A 175 15.43 -11.27 5.28
N THR A 176 15.55 -12.20 4.33
CA THR A 176 14.92 -13.49 4.51
C THR A 176 15.70 -14.27 5.57
N ARG A 177 17.02 -14.31 5.37
CA ARG A 177 17.90 -14.91 6.36
C ARG A 177 17.59 -14.33 7.73
N ALA A 178 17.53 -12.99 7.86
CA ALA A 178 17.31 -12.34 9.13
C ALA A 178 15.99 -12.77 9.75
N ALA A 179 14.99 -12.96 8.91
CA ALA A 179 13.65 -13.29 9.38
C ALA A 179 13.59 -14.73 9.89
N LEU A 180 14.53 -15.57 9.44
CA LEU A 180 14.56 -16.96 9.86
C LEU A 180 15.23 -17.11 11.22
N GLN A 181 16.05 -16.14 11.65
CA GLN A 181 16.86 -16.26 12.85
C GLN A 181 16.01 -16.18 14.14
N SER B 1 -14.09 -9.81 -9.47
CA SER B 1 -14.31 -8.78 -10.53
C SER B 1 -14.80 -9.46 -11.83
N MET B 2 -15.16 -8.64 -12.83
CA MET B 2 -15.77 -9.18 -14.04
C MET B 2 -14.81 -8.97 -15.22
N GLU B 3 -14.83 -9.92 -16.16
CA GLU B 3 -13.83 -10.06 -17.21
C GLU B 3 -13.71 -8.77 -18.01
N MET B 4 -14.83 -8.08 -18.23
CA MET B 4 -14.83 -6.86 -19.01
C MET B 4 -13.89 -5.85 -18.34
N ASP B 5 -14.00 -5.66 -17.03
CA ASP B 5 -13.16 -4.70 -16.33
C ASP B 5 -11.71 -5.20 -16.18
N GLU B 6 -11.53 -6.48 -15.80
CA GLU B 6 -10.21 -7.08 -15.74
C GLU B 6 -9.45 -6.81 -17.05
N LYS B 7 -10.05 -7.10 -18.19
CA LYS B 7 -9.37 -6.96 -19.47
C LYS B 7 -9.05 -5.50 -19.73
N ASP B 8 -9.98 -4.61 -19.39
CA ASP B 8 -9.79 -3.20 -19.67
C ASP B 8 -8.60 -2.67 -18.86
N PHE B 9 -8.31 -3.29 -17.70
CA PHE B 9 -7.29 -2.80 -16.77
C PHE B 9 -6.12 -3.77 -16.58
N ALA B 10 -5.95 -4.71 -17.51
CA ALA B 10 -4.93 -5.75 -17.41
C ALA B 10 -3.54 -5.20 -17.70
N ALA B 11 -3.46 -4.11 -18.48
CA ALA B 11 -2.17 -3.58 -18.90
C ALA B 11 -1.57 -2.77 -17.75
N ASP B 12 -0.25 -2.55 -17.87
CA ASP B 12 0.55 -1.91 -16.84
C ASP B 12 0.30 -0.39 -16.80
N SER B 13 -0.23 0.20 -17.87
CA SER B 13 -0.44 1.64 -17.91
C SER B 13 -1.50 2.02 -18.92
N TRP B 14 -1.90 3.29 -18.91
CA TRP B 14 -2.74 3.83 -19.94
C TRP B 14 -2.05 3.75 -21.29
N SER B 15 -0.74 4.06 -21.32
CA SER B 15 -0.01 4.08 -22.58
CA SER B 15 0.03 4.06 -22.55
C SER B 15 -0.06 2.72 -23.27
N LEU B 16 -0.17 1.63 -22.50
CA LEU B 16 -0.12 0.28 -23.07
C LEU B 16 -1.52 -0.30 -23.26
N ALA B 17 -2.54 0.34 -22.65
CA ALA B 17 -3.88 -0.17 -22.68
C ALA B 17 -4.58 0.32 -23.94
N VAL B 18 -4.37 1.59 -24.32
CA VAL B 18 -4.93 2.14 -25.54
C VAL B 18 -4.09 1.64 -26.72
N ASP B 19 -4.69 1.75 -27.92
CA ASP B 19 -4.02 1.45 -29.17
C ASP B 19 -2.91 2.47 -29.39
N SER B 20 -1.77 2.01 -29.92
CA SER B 20 -0.60 2.85 -30.11
C SER B 20 -0.85 3.99 -31.10
N SER B 21 -1.72 3.80 -32.11
CA SER B 21 -1.98 4.87 -33.06
C SER B 21 -2.84 5.96 -32.43
N PHE B 22 -3.61 5.60 -31.40
CA PHE B 22 -4.40 6.55 -30.63
C PHE B 22 -3.48 7.33 -29.71
N LEU B 23 -2.54 6.60 -29.10
CA LEU B 23 -1.53 7.17 -28.21
C LEU B 23 -0.77 8.29 -28.93
N GLN B 24 -0.33 8.01 -30.18
CA GLN B 24 0.52 8.91 -30.95
C GLN B 24 -0.12 10.28 -31.19
N GLN B 25 -1.44 10.39 -31.01
CA GLN B 25 -2.11 11.67 -31.23
C GLN B 25 -2.22 12.53 -29.96
N HIS B 26 -1.39 12.27 -28.93
CA HIS B 26 -1.54 12.97 -27.66
C HIS B 26 -0.21 13.51 -27.16
N LYS B 27 -0.27 14.68 -26.51
CA LYS B 27 0.90 15.29 -25.92
C LYS B 27 1.35 14.46 -24.71
N LYS B 28 2.66 14.47 -24.44
CA LYS B 28 3.19 13.64 -23.38
C LYS B 28 2.54 14.02 -22.06
N GLU B 29 2.25 15.30 -21.87
CA GLU B 29 1.75 15.76 -20.58
C GLU B 29 0.42 15.07 -20.31
N VAL B 30 -0.31 14.75 -21.37
CA VAL B 30 -1.63 14.14 -21.26
C VAL B 30 -1.46 12.66 -20.93
N MET B 31 -0.47 12.01 -21.58
CA MET B 31 -0.24 10.59 -21.38
C MET B 31 0.10 10.35 -19.91
N LYS B 32 0.90 11.24 -19.33
CA LYS B 32 1.34 11.05 -17.96
C LYS B 32 0.15 11.20 -17.04
N GLN B 33 -0.68 12.22 -17.27
CA GLN B 33 -1.90 12.39 -16.50
C GLN B 33 -2.75 11.12 -16.55
N GLN B 34 -2.89 10.55 -17.75
CA GLN B 34 -3.82 9.44 -17.97
C GLN B 34 -3.30 8.19 -17.26
N ASP B 35 -1.99 7.98 -17.36
CA ASP B 35 -1.30 6.93 -16.64
C ASP B 35 -1.72 6.88 -15.17
N VAL B 36 -1.69 8.02 -14.48
CA VAL B 36 -1.94 7.99 -13.04
C VAL B 36 -3.44 7.77 -12.78
N ILE B 37 -4.27 8.33 -13.66
CA ILE B 37 -5.70 8.16 -13.50
C ILE B 37 -6.01 6.68 -13.69
N TYR B 38 -5.47 6.09 -14.77
CA TYR B 38 -5.68 4.67 -15.04
C TYR B 38 -5.32 3.89 -13.77
N GLU B 39 -4.22 4.31 -13.11
CA GLU B 39 -3.76 3.59 -11.94
C GLU B 39 -4.74 3.74 -10.78
N LEU B 40 -5.33 4.92 -10.61
CA LEU B 40 -6.25 5.14 -9.52
C LEU B 40 -7.45 4.21 -9.65
N ILE B 41 -7.86 4.02 -10.91
CA ILE B 41 -9.04 3.22 -11.22
C ILE B 41 -8.69 1.75 -11.07
N GLN B 42 -7.55 1.39 -11.63
CA GLN B 42 -7.08 0.02 -11.59
C GLN B 42 -6.97 -0.46 -10.15
N THR B 43 -6.47 0.43 -9.26
CA THR B 43 -6.27 0.06 -7.86
C THR B 43 -7.60 0.02 -7.11
N GLU B 44 -8.55 0.89 -7.51
CA GLU B 44 -9.87 0.90 -6.89
C GLU B 44 -10.60 -0.39 -7.23
N LEU B 45 -10.44 -0.84 -8.47
CA LEU B 45 -10.96 -2.12 -8.90
C LEU B 45 -10.39 -3.23 -8.02
N HIS B 46 -9.06 -3.29 -7.89
CA HIS B 46 -8.44 -4.32 -7.06
C HIS B 46 -8.94 -4.24 -5.62
N HIS B 47 -9.14 -3.02 -5.11
CA HIS B 47 -9.65 -2.80 -3.77
C HIS B 47 -11.06 -3.40 -3.61
N VAL B 48 -11.92 -3.20 -4.60
CA VAL B 48 -13.27 -3.76 -4.56
C VAL B 48 -13.21 -5.28 -4.67
N ARG B 49 -12.38 -5.81 -5.57
CA ARG B 49 -12.19 -7.25 -5.64
C ARG B 49 -11.71 -7.86 -4.31
N THR B 50 -10.90 -7.13 -3.53
CA THR B 50 -10.48 -7.56 -2.21
C THR B 50 -11.66 -7.65 -1.24
N LEU B 51 -12.50 -6.61 -1.19
CA LEU B 51 -13.69 -6.70 -0.34
C LEU B 51 -14.64 -7.82 -0.78
N LYS B 52 -14.70 -8.17 -2.07
CA LYS B 52 -15.60 -9.24 -2.48
C LYS B 52 -15.01 -10.59 -2.10
N ILE B 53 -13.68 -10.68 -2.03
CA ILE B 53 -13.09 -11.88 -1.49
C ILE B 53 -13.46 -12.00 -0.02
N MET B 54 -13.43 -10.90 0.72
CA MET B 54 -13.74 -10.98 2.12
C MET B 54 -15.17 -11.44 2.35
N THR B 55 -16.14 -10.87 1.61
CA THR B 55 -17.55 -11.10 1.88
C THR B 55 -18.04 -12.41 1.26
N ARG B 56 -17.74 -12.63 -0.01
CA ARG B 56 -18.33 -13.78 -0.65
C ARG B 56 -17.52 -15.05 -0.40
N LEU B 57 -16.18 -14.96 -0.35
CA LEU B 57 -15.41 -16.19 -0.31
C LEU B 57 -15.18 -16.65 1.13
N PHE B 58 -14.83 -15.72 2.01
CA PHE B 58 -14.52 -16.05 3.38
C PHE B 58 -15.75 -15.94 4.27
N ARG B 59 -16.43 -14.78 4.28
CA ARG B 59 -17.45 -14.55 5.29
C ARG B 59 -18.64 -15.48 5.07
N THR B 60 -19.17 -15.41 3.87
CA THR B 60 -20.27 -16.24 3.46
C THR B 60 -19.92 -17.72 3.58
N GLY B 61 -18.73 -18.10 3.12
CA GLY B 61 -18.33 -19.50 3.11
C GLY B 61 -18.17 -20.07 4.52
N MET B 62 -17.81 -19.21 5.47
CA MET B 62 -17.71 -19.64 6.86
C MET B 62 -19.13 -19.88 7.34
N LEU B 63 -20.01 -18.88 7.12
CA LEU B 63 -21.37 -18.97 7.58
C LEU B 63 -22.02 -20.25 7.07
N GLU B 64 -21.78 -20.62 5.82
CA GLU B 64 -22.47 -21.73 5.20
C GLU B 64 -21.73 -23.06 5.31
N GLU B 65 -20.49 -23.10 5.81
CA GLU B 65 -19.79 -24.37 5.84
C GLU B 65 -19.32 -24.73 7.26
N LEU B 66 -19.28 -23.77 8.19
CA LEU B 66 -18.82 -24.05 9.55
C LEU B 66 -19.98 -23.80 10.49
N HIS B 67 -19.74 -24.06 11.79
CA HIS B 67 -20.76 -23.90 12.83
C HIS B 67 -20.24 -22.91 13.86
N LEU B 68 -19.77 -21.75 13.38
CA LEU B 68 -19.33 -20.67 14.25
C LEU B 68 -20.53 -19.77 14.57
N GLU B 69 -20.67 -19.44 15.86
CA GLU B 69 -21.40 -18.25 16.27
C GLU B 69 -21.25 -17.18 15.17
N PRO B 70 -22.36 -16.62 14.59
CA PRO B 70 -22.25 -15.52 13.62
C PRO B 70 -21.56 -14.24 14.08
N GLY B 71 -21.50 -14.03 15.40
CA GLY B 71 -20.76 -12.94 15.99
C GLY B 71 -19.23 -13.10 15.86
N VAL B 72 -18.76 -14.35 15.77
CA VAL B 72 -17.36 -14.61 15.54
C VAL B 72 -16.96 -14.07 14.18
N VAL B 73 -17.75 -14.45 13.18
CA VAL B 73 -17.51 -14.11 11.79
C VAL B 73 -17.48 -12.59 11.64
N GLN B 74 -18.33 -11.92 12.42
CA GLN B 74 -18.45 -10.48 12.38
C GLN B 74 -17.22 -9.81 12.98
N GLY B 75 -16.59 -10.50 13.94
CA GLY B 75 -15.38 -10.02 14.56
C GLY B 75 -14.18 -10.14 13.62
N LEU B 76 -14.25 -11.10 12.70
CA LEU B 76 -13.24 -11.35 11.68
C LEU B 76 -13.37 -10.37 10.51
N PHE B 77 -14.61 -10.02 10.14
CA PHE B 77 -14.85 -9.21 8.95
C PHE B 77 -15.71 -8.01 9.27
N PRO B 78 -15.26 -7.10 10.16
CA PRO B 78 -16.08 -5.94 10.53
C PRO B 78 -16.32 -4.99 9.36
N CYS B 79 -17.55 -4.51 9.19
CA CYS B 79 -17.86 -3.39 8.31
C CYS B 79 -17.75 -3.70 6.82
N VAL B 80 -17.54 -4.98 6.47
CA VAL B 80 -17.14 -5.32 5.12
CA VAL B 80 -17.14 -5.33 5.12
C VAL B 80 -18.31 -5.08 4.15
N ASP B 81 -19.55 -5.23 4.63
CA ASP B 81 -20.72 -4.93 3.81
C ASP B 81 -20.80 -3.43 3.49
N GLU B 82 -20.56 -2.57 4.49
CA GLU B 82 -20.66 -1.13 4.28
CA GLU B 82 -20.68 -1.13 4.25
C GLU B 82 -19.50 -0.67 3.40
N LEU B 83 -18.32 -1.27 3.58
CA LEU B 83 -17.16 -0.87 2.80
C LEU B 83 -17.36 -1.29 1.36
N SER B 84 -17.85 -2.51 1.17
CA SER B 84 -18.25 -3.00 -0.15
C SER B 84 -19.18 -2.01 -0.87
N ASP B 85 -20.14 -1.44 -0.12
CA ASP B 85 -21.11 -0.52 -0.71
C ASP B 85 -20.46 0.81 -1.12
N ILE B 86 -19.55 1.34 -0.30
CA ILE B 86 -18.95 2.64 -0.55
C ILE B 86 -18.04 2.58 -1.78
N HIS B 87 -17.22 1.53 -1.85
CA HIS B 87 -16.17 1.53 -2.83
C HIS B 87 -16.79 1.07 -4.14
N THR B 88 -17.75 0.13 -4.08
CA THR B 88 -18.38 -0.34 -5.31
C THR B 88 -19.14 0.80 -5.98
N ARG B 89 -19.78 1.69 -5.22
CA ARG B 89 -20.40 2.86 -5.83
C ARG B 89 -19.36 3.81 -6.44
N PHE B 90 -18.21 4.02 -5.76
CA PHE B 90 -17.19 4.94 -6.23
C PHE B 90 -16.60 4.41 -7.54
N LEU B 91 -16.38 3.11 -7.56
CA LEU B 91 -15.86 2.43 -8.74
C LEU B 91 -16.83 2.57 -9.93
N SER B 92 -18.11 2.33 -9.67
CA SER B 92 -19.13 2.51 -10.69
CA SER B 92 -19.13 2.51 -10.69
C SER B 92 -18.99 3.89 -11.33
N GLN B 93 -18.81 4.93 -10.52
CA GLN B 93 -18.70 6.29 -11.04
C GLN B 93 -17.42 6.49 -11.86
N LEU B 94 -16.31 5.94 -11.39
CA LEU B 94 -15.05 6.05 -12.12
C LEU B 94 -15.16 5.34 -13.47
N LEU B 95 -15.80 4.15 -13.48
CA LEU B 95 -15.88 3.31 -14.66
C LEU B 95 -16.82 3.91 -15.70
N GLU B 96 -17.88 4.61 -15.26
CA GLU B 96 -18.83 5.25 -16.17
C GLU B 96 -18.18 6.48 -16.77
N ARG B 97 -17.37 7.17 -15.96
CA ARG B 97 -16.65 8.34 -16.43
C ARG B 97 -15.76 7.91 -17.61
N ARG B 98 -15.17 6.72 -17.49
CA ARG B 98 -14.30 6.19 -18.54
C ARG B 98 -15.09 5.80 -19.79
N ARG B 99 -16.29 5.23 -19.60
CA ARG B 99 -17.00 4.67 -20.73
CA ARG B 99 -17.06 4.67 -20.70
C ARG B 99 -17.51 5.81 -21.61
N GLN B 100 -18.04 6.87 -20.99
CA GLN B 100 -18.48 8.09 -21.64
C GLN B 100 -17.37 8.62 -22.54
N ALA B 101 -16.12 8.45 -22.10
CA ALA B 101 -14.98 9.08 -22.74
C ALA B 101 -14.42 8.25 -23.89
N LEU B 102 -14.94 7.03 -24.08
CA LEU B 102 -14.50 6.16 -25.17
C LEU B 102 -14.85 6.81 -26.51
N CYS B 103 -13.91 6.73 -27.47
CA CYS B 103 -14.20 6.98 -28.88
C CYS B 103 -15.21 5.96 -29.39
N PRO B 104 -16.12 6.39 -30.29
CA PRO B 104 -16.93 5.46 -31.08
C PRO B 104 -16.09 4.44 -31.83
N GLY B 105 -16.52 3.19 -31.77
CA GLY B 105 -15.87 2.10 -32.48
C GLY B 105 -14.72 1.48 -31.68
N SER B 106 -14.53 1.92 -30.43
CA SER B 106 -13.45 1.40 -29.60
C SER B 106 -13.98 1.08 -28.20
N THR B 107 -13.43 0.01 -27.60
CA THR B 107 -13.69 -0.32 -26.19
C THR B 107 -12.48 0.00 -25.30
N ARG B 108 -11.44 0.64 -25.83
CA ARG B 108 -10.24 0.88 -25.05
C ARG B 108 -9.70 2.32 -25.17
N ASN B 109 -9.87 3.00 -26.31
CA ASN B 109 -9.27 4.31 -26.48
C ASN B 109 -10.12 5.37 -25.80
N PHE B 110 -9.55 6.11 -24.84
CA PHE B 110 -10.28 7.13 -24.09
C PHE B 110 -9.31 8.13 -23.46
N VAL B 111 -9.83 9.30 -23.07
CA VAL B 111 -9.10 10.30 -22.31
C VAL B 111 -10.08 10.89 -21.31
N ILE B 112 -9.74 10.87 -20.02
CA ILE B 112 -10.52 11.57 -19.00
C ILE B 112 -9.93 12.96 -18.73
N HIS B 113 -10.68 14.01 -19.04
CA HIS B 113 -10.24 15.37 -18.82
C HIS B 113 -10.70 15.89 -17.46
N ARG B 114 -11.81 15.32 -16.96
N ARG B 114 -11.81 15.32 -16.96
CA ARG B 114 -12.46 15.81 -15.76
CA ARG B 114 -12.47 15.80 -15.76
C ARG B 114 -12.51 14.69 -14.74
C ARG B 114 -12.52 14.67 -14.73
N LEU B 115 -11.95 14.91 -13.55
N LEU B 115 -11.95 14.91 -13.55
CA LEU B 115 -11.98 13.91 -12.49
CA LEU B 115 -11.98 13.91 -12.49
C LEU B 115 -12.22 14.54 -11.12
C LEU B 115 -12.22 14.54 -11.12
N GLY B 116 -11.68 15.75 -10.91
CA GLY B 116 -11.80 16.44 -9.63
C GLY B 116 -13.20 16.43 -9.05
N ASP B 117 -14.16 16.78 -9.90
CA ASP B 117 -15.56 16.89 -9.53
C ASP B 117 -16.04 15.58 -8.87
N LEU B 118 -15.58 14.48 -9.44
CA LEU B 118 -16.01 13.18 -9.00
C LEU B 118 -15.35 12.90 -7.64
N LEU B 119 -14.08 13.30 -7.49
CA LEU B 119 -13.38 13.12 -6.23
C LEU B 119 -13.96 14.01 -5.14
N ILE B 120 -14.40 15.25 -5.48
CA ILE B 120 -14.99 16.12 -4.47
C ILE B 120 -16.31 15.56 -3.97
N SER B 121 -17.16 15.09 -4.89
CA SER B 121 -18.41 14.47 -4.50
CA SER B 121 -18.41 14.45 -4.51
C SER B 121 -18.14 13.32 -3.52
N GLN B 122 -17.15 12.47 -3.86
CA GLN B 122 -16.87 11.28 -3.09
C GLN B 122 -16.41 11.62 -1.67
N PHE B 123 -15.47 12.57 -1.54
CA PHE B 123 -14.80 12.85 -0.27
C PHE B 123 -15.40 14.08 0.43
N SER B 124 -16.72 14.29 0.28
CA SER B 124 -17.43 15.40 0.90
C SER B 124 -18.89 14.99 1.13
N GLY B 125 -19.55 15.69 2.06
CA GLY B 125 -20.96 15.50 2.34
C GLY B 125 -21.23 14.14 2.99
N PRO B 126 -22.48 13.68 3.05
CA PRO B 126 -22.79 12.35 3.57
C PRO B 126 -21.87 11.20 3.15
N SER B 127 -21.32 11.21 1.93
CA SER B 127 -20.42 10.15 1.50
C SER B 127 -19.13 10.16 2.32
N ALA B 128 -18.59 11.35 2.61
CA ALA B 128 -17.42 11.48 3.47
C ALA B 128 -17.75 11.07 4.91
N GLU B 129 -18.94 11.42 5.41
CA GLU B 129 -19.29 11.07 6.78
C GLU B 129 -19.35 9.56 6.89
N GLN B 130 -19.96 8.89 5.90
CA GLN B 130 -20.14 7.45 5.98
CA GLN B 130 -20.14 7.44 5.87
C GLN B 130 -18.78 6.76 5.94
N MET B 131 -17.78 7.34 5.23
CA MET B 131 -16.43 6.78 5.10
C MET B 131 -15.63 6.92 6.39
N CYS B 132 -15.57 8.13 6.94
CA CYS B 132 -14.91 8.41 8.21
C CYS B 132 -15.45 7.51 9.32
N LYS B 133 -16.76 7.51 9.51
CA LYS B 133 -17.39 6.63 10.49
C LYS B 133 -16.96 5.20 10.20
N THR B 134 -16.98 4.75 8.94
CA THR B 134 -16.79 3.34 8.62
C THR B 134 -15.33 2.92 8.80
N TYR B 135 -14.38 3.79 8.46
CA TYR B 135 -12.96 3.48 8.58
C TYR B 135 -12.52 3.60 10.05
N SER B 136 -13.03 4.58 10.79
CA SER B 136 -12.83 4.65 12.23
C SER B 136 -13.21 3.33 12.89
N GLU B 137 -14.32 2.74 12.47
CA GLU B 137 -14.75 1.48 13.04
C GLU B 137 -13.83 0.35 12.58
N PHE B 138 -13.60 0.22 11.26
CA PHE B 138 -12.77 -0.87 10.73
C PHE B 138 -11.39 -0.94 11.42
N CYS B 139 -10.70 0.21 11.47
CA CYS B 139 -9.32 0.28 11.94
C CYS B 139 -9.21 0.01 13.45
N SER B 140 -10.28 0.27 14.19
CA SER B 140 -10.31 0.02 15.63
C SER B 140 -10.63 -1.42 15.92
N ARG B 141 -11.07 -2.19 14.91
CA ARG B 141 -11.37 -3.61 15.07
C ARG B 141 -10.33 -4.48 14.39
N HIS B 142 -9.38 -3.82 13.75
CA HIS B 142 -8.41 -4.47 12.90
C HIS B 142 -7.65 -5.52 13.71
N SER B 143 -7.03 -5.08 14.81
CA SER B 143 -6.20 -5.95 15.64
CA SER B 143 -6.21 -5.94 15.66
C SER B 143 -7.00 -7.14 16.16
N LYS B 144 -8.22 -6.86 16.65
CA LYS B 144 -9.05 -7.90 17.23
C LYS B 144 -9.35 -8.93 16.17
N ALA B 145 -9.49 -8.45 14.92
CA ALA B 145 -9.76 -9.31 13.79
C ALA B 145 -8.63 -10.31 13.59
N LEU B 146 -7.38 -9.80 13.66
CA LEU B 146 -6.18 -10.62 13.48
C LEU B 146 -6.04 -11.67 14.58
N LYS B 147 -6.28 -11.27 15.85
CA LYS B 147 -6.10 -12.18 16.99
C LYS B 147 -7.11 -13.31 16.94
N LEU B 148 -8.34 -12.95 16.61
CA LEU B 148 -9.40 -13.93 16.47
C LEU B 148 -9.09 -14.91 15.33
N TYR B 149 -8.52 -14.42 14.22
CA TYR B 149 -8.18 -15.30 13.11
C TYR B 149 -7.15 -16.30 13.60
N LYS B 150 -6.15 -15.83 14.36
CA LYS B 150 -5.07 -16.69 14.81
C LYS B 150 -5.54 -17.68 15.89
N GLU B 151 -6.41 -17.24 16.82
CA GLU B 151 -6.97 -18.12 17.84
CA GLU B 151 -6.93 -18.14 17.83
C GLU B 151 -7.67 -19.28 17.15
N LEU B 152 -8.58 -18.96 16.23
CA LEU B 152 -9.37 -19.97 15.54
C LEU B 152 -8.49 -20.89 14.71
N TYR B 153 -7.47 -20.36 14.04
CA TYR B 153 -6.66 -21.20 13.16
C TYR B 153 -5.85 -22.19 14.02
N ALA B 154 -5.53 -21.83 15.25
CA ALA B 154 -4.64 -22.63 16.07
C ALA B 154 -5.42 -23.59 16.98
N ARG B 155 -6.75 -23.49 17.01
CA ARG B 155 -7.54 -24.25 17.95
CA ARG B 155 -7.56 -24.22 17.96
C ARG B 155 -8.61 -25.08 17.23
N ASP B 156 -8.77 -24.90 15.91
CA ASP B 156 -9.87 -25.54 15.20
C ASP B 156 -9.42 -26.16 13.87
N LYS B 157 -9.58 -27.48 13.78
CA LYS B 157 -9.17 -28.27 12.63
C LYS B 157 -9.98 -27.90 11.40
N ARG B 158 -11.31 -27.82 11.58
CA ARG B 158 -12.24 -27.63 10.47
C ARG B 158 -12.04 -26.24 9.85
N PHE B 159 -11.81 -25.24 10.72
CA PHE B 159 -11.44 -23.90 10.29
C PHE B 159 -10.14 -23.92 9.51
N GLN B 160 -9.12 -24.55 10.08
CA GLN B 160 -7.84 -24.71 9.42
C GLN B 160 -8.08 -25.28 8.01
N GLN B 161 -8.98 -26.26 7.88
CA GLN B 161 -9.19 -26.95 6.61
C GLN B 161 -9.85 -26.00 5.63
N PHE B 162 -10.85 -25.28 6.14
CA PHE B 162 -11.55 -24.30 5.33
C PHE B 162 -10.52 -23.33 4.69
N ILE B 163 -9.61 -22.81 5.50
CA ILE B 163 -8.67 -21.80 5.09
C ILE B 163 -7.71 -22.40 4.04
N ARG B 164 -7.07 -23.51 4.38
CA ARG B 164 -6.24 -24.19 3.42
C ARG B 164 -6.98 -24.36 2.09
N LYS B 165 -8.26 -24.71 2.17
CA LYS B 165 -9.04 -25.07 1.01
C LYS B 165 -9.22 -23.86 0.10
N VAL B 166 -9.82 -22.78 0.63
CA VAL B 166 -10.24 -21.65 -0.20
C VAL B 166 -9.06 -20.78 -0.64
N THR B 167 -7.93 -20.79 0.09
CA THR B 167 -6.78 -19.98 -0.28
C THR B 167 -5.77 -20.78 -1.12
N ARG B 168 -6.14 -21.98 -1.57
CA ARG B 168 -5.19 -22.83 -2.27
C ARG B 168 -4.95 -22.33 -3.69
N PRO B 169 -5.95 -21.78 -4.41
CA PRO B 169 -5.72 -21.20 -5.74
C PRO B 169 -4.60 -20.18 -5.88
N ALA B 170 -3.90 -20.25 -7.01
CA ALA B 170 -2.77 -19.36 -7.25
C ALA B 170 -3.21 -17.89 -7.16
N VAL B 171 -4.43 -17.56 -7.58
CA VAL B 171 -4.85 -16.17 -7.61
C VAL B 171 -5.16 -15.64 -6.20
N LEU B 172 -5.14 -16.48 -5.16
CA LEU B 172 -5.35 -16.00 -3.80
C LEU B 172 -4.03 -15.86 -3.08
N LYS B 173 -2.93 -15.92 -3.81
CA LYS B 173 -1.60 -16.09 -3.22
C LYS B 173 -1.35 -14.98 -2.21
N ARG B 174 -1.79 -13.76 -2.52
CA ARG B 174 -1.50 -12.62 -1.69
C ARG B 174 -2.76 -12.06 -1.02
N HIS B 175 -3.78 -12.90 -0.83
CA HIS B 175 -5.10 -12.43 -0.41
C HIS B 175 -5.68 -13.37 0.64
N GLY B 176 -4.86 -13.85 1.56
CA GLY B 176 -5.42 -14.53 2.72
C GLY B 176 -6.11 -13.49 3.61
N VAL B 177 -6.67 -13.94 4.74
CA VAL B 177 -7.55 -13.11 5.54
C VAL B 177 -6.80 -11.89 6.06
N GLN B 178 -5.64 -12.13 6.67
CA GLN B 178 -4.95 -11.06 7.35
C GLN B 178 -4.50 -10.04 6.32
N GLU B 179 -4.10 -10.53 5.14
CA GLU B 179 -3.62 -9.66 4.07
C GLU B 179 -4.75 -8.73 3.62
N CYS B 180 -5.93 -9.32 3.44
CA CYS B 180 -7.10 -8.56 3.05
C CYS B 180 -7.37 -7.43 4.04
N ILE B 181 -7.32 -7.74 5.34
CA ILE B 181 -7.60 -6.76 6.37
C ILE B 181 -6.61 -5.60 6.27
N LEU B 182 -5.34 -5.92 6.04
CA LEU B 182 -4.36 -4.83 6.04
C LEU B 182 -4.42 -4.08 4.71
N LEU B 183 -4.77 -4.81 3.64
CA LEU B 183 -4.94 -4.18 2.34
C LEU B 183 -5.98 -3.08 2.44
N VAL B 184 -7.05 -3.35 3.20
CA VAL B 184 -8.16 -2.42 3.36
C VAL B 184 -7.71 -1.22 4.17
N THR B 185 -7.08 -1.47 5.31
CA THR B 185 -6.61 -0.40 6.18
C THR B 185 -5.66 0.53 5.43
N GLN B 186 -4.83 -0.02 4.54
CA GLN B 186 -3.84 0.82 3.85
C GLN B 186 -4.45 1.62 2.69
N ARG B 187 -5.64 1.23 2.22
CA ARG B 187 -6.18 1.80 1.00
C ARG B 187 -6.37 3.29 1.13
N ILE B 188 -7.01 3.74 2.21
CA ILE B 188 -7.33 5.15 2.35
C ILE B 188 -6.08 6.01 2.30
N THR B 189 -4.96 5.51 2.84
CA THR B 189 -3.73 6.29 2.83
C THR B 189 -3.11 6.35 1.44
N LYS B 190 -3.58 5.55 0.48
CA LYS B 190 -3.11 5.61 -0.89
C LYS B 190 -3.68 6.79 -1.69
N TYR B 191 -4.87 7.29 -1.29
CA TYR B 191 -5.59 8.25 -2.14
C TYR B 191 -4.80 9.56 -2.28
N PRO B 192 -4.21 10.15 -1.20
CA PRO B 192 -3.47 11.41 -1.33
C PRO B 192 -2.29 11.25 -2.29
N LEU B 193 -1.67 10.08 -2.28
CA LEU B 193 -0.52 9.87 -3.14
C LEU B 193 -0.94 9.95 -4.60
N LEU B 194 -1.99 9.23 -4.97
CA LEU B 194 -2.43 9.18 -6.35
C LEU B 194 -2.94 10.55 -6.79
N ILE B 195 -3.81 11.14 -5.95
CA ILE B 195 -4.39 12.43 -6.25
C ILE B 195 -3.28 13.47 -6.43
N SER B 196 -2.26 13.44 -5.55
CA SER B 196 -1.18 14.41 -5.66
CA SER B 196 -1.16 14.40 -5.66
C SER B 196 -0.47 14.27 -7.01
N ARG B 197 -0.28 13.04 -7.50
CA ARG B 197 0.52 12.80 -8.68
C ARG B 197 -0.29 13.07 -9.95
N ILE B 198 -1.61 12.85 -9.88
CA ILE B 198 -2.49 13.30 -10.96
C ILE B 198 -2.43 14.84 -11.03
N LEU B 199 -2.67 15.50 -9.90
CA LEU B 199 -2.61 16.96 -9.84
C LEU B 199 -1.30 17.48 -10.44
N GLN B 200 -0.19 16.80 -10.23
CA GLN B 200 1.08 17.28 -10.75
C GLN B 200 1.04 17.47 -12.27
N HIS B 201 0.19 16.68 -12.98
CA HIS B 201 0.14 16.66 -14.43
C HIS B 201 -1.18 17.21 -15.00
N SER B 202 -1.88 18.02 -14.19
CA SER B 202 -3.22 18.52 -14.51
C SER B 202 -3.27 20.05 -14.43
N HIS B 203 -2.23 20.68 -14.98
CA HIS B 203 -2.00 22.12 -14.85
C HIS B 203 -2.52 22.85 -16.09
N GLY B 204 -2.81 22.13 -17.17
CA GLY B 204 -3.34 22.71 -18.40
C GLY B 204 -4.69 23.42 -18.22
N ILE B 205 -5.64 22.74 -17.56
CA ILE B 205 -6.96 23.29 -17.30
CA ILE B 205 -6.96 23.30 -17.30
C ILE B 205 -7.01 23.74 -15.84
N GLU B 206 -7.16 25.06 -15.64
CA GLU B 206 -7.07 25.68 -14.32
C GLU B 206 -8.20 25.24 -13.39
N GLU B 207 -9.41 24.96 -13.90
CA GLU B 207 -10.49 24.57 -13.00
C GLU B 207 -10.30 23.13 -12.54
N GLU B 208 -9.58 22.33 -13.35
CA GLU B 208 -9.26 20.95 -13.00
C GLU B 208 -8.17 20.94 -11.93
N ARG B 209 -7.18 21.85 -12.04
CA ARG B 209 -6.13 21.97 -11.04
C ARG B 209 -6.72 22.37 -9.68
N GLN B 210 -7.77 23.19 -9.66
CA GLN B 210 -8.38 23.56 -8.40
C GLN B 210 -9.23 22.42 -7.87
N ASP B 211 -9.99 21.77 -8.76
CA ASP B 211 -10.86 20.68 -8.35
C ASP B 211 -10.03 19.59 -7.68
N LEU B 212 -8.84 19.31 -8.25
CA LEU B 212 -7.92 18.32 -7.71
C LEU B 212 -7.31 18.78 -6.39
N THR B 213 -6.90 20.06 -6.33
CA THR B 213 -6.39 20.66 -5.10
C THR B 213 -7.43 20.59 -3.99
N THR B 214 -8.67 21.01 -4.25
CA THR B 214 -9.69 20.88 -3.23
C THR B 214 -9.86 19.40 -2.83
N ALA B 215 -9.93 18.50 -3.82
CA ALA B 215 -10.10 17.09 -3.52
C ALA B 215 -9.02 16.62 -2.55
N LEU B 216 -7.75 16.98 -2.83
CA LEU B 216 -6.62 16.50 -2.05
C LEU B 216 -6.80 16.88 -0.57
N GLY B 217 -7.15 18.14 -0.32
CA GLY B 217 -7.36 18.65 1.01
C GLY B 217 -8.55 17.98 1.70
N LEU B 218 -9.52 17.57 0.89
CA LEU B 218 -10.66 16.85 1.44
C LEU B 218 -10.22 15.47 1.92
N VAL B 219 -9.32 14.81 1.17
CA VAL B 219 -8.85 13.47 1.50
C VAL B 219 -8.02 13.52 2.78
N LYS B 220 -7.18 14.56 2.93
CA LYS B 220 -6.38 14.72 4.15
C LYS B 220 -7.24 15.03 5.38
N GLU B 221 -8.30 15.83 5.26
CA GLU B 221 -9.17 16.05 6.40
CA GLU B 221 -9.20 16.05 6.38
C GLU B 221 -9.80 14.72 6.81
N LEU B 222 -10.19 13.90 5.82
CA LEU B 222 -10.80 12.59 6.10
C LEU B 222 -9.81 11.67 6.83
N LEU B 223 -8.61 11.54 6.29
CA LEU B 223 -7.56 10.76 6.94
C LEU B 223 -7.33 11.26 8.38
N SER B 224 -7.25 12.59 8.55
CA SER B 224 -7.02 13.14 9.87
CA SER B 224 -7.05 13.18 9.86
C SER B 224 -8.19 12.82 10.80
N ASN B 225 -9.43 12.83 10.31
CA ASN B 225 -10.53 12.48 11.19
C ASN B 225 -10.44 11.00 11.59
N VAL B 226 -10.06 10.14 10.64
CA VAL B 226 -10.09 8.70 10.86
C VAL B 226 -9.03 8.34 11.88
N ASP B 227 -7.86 8.97 11.73
CA ASP B 227 -6.72 8.77 12.62
C ASP B 227 -7.08 9.15 14.07
N GLU B 228 -7.86 10.21 14.27
CA GLU B 228 -8.24 10.61 15.61
C GLU B 228 -9.33 9.71 16.18
N GLY B 229 -10.08 9.00 15.34
CA GLY B 229 -11.23 8.23 15.80
C GLY B 229 -10.84 6.81 16.21
N ILE B 230 -9.56 6.47 16.02
CA ILE B 230 -9.08 5.12 16.29
C ILE B 230 -8.77 4.99 17.78
N TYR B 231 -9.36 3.95 18.37
CA TYR B 231 -8.92 3.39 19.63
C TYR B 231 -9.03 1.87 19.47
N GLN B 232 -7.87 1.20 19.45
CA GLN B 232 -7.76 -0.25 19.28
C GLN B 232 -8.57 -1.00 20.34
N LEU B 233 -9.44 -1.89 19.90
CA LEU B 233 -10.10 -2.85 20.79
C LEU B 233 -9.22 -4.07 20.96
N GLU B 234 -9.57 -4.89 21.93
CA GLU B 234 -8.78 -6.04 22.31
C GLU B 234 -9.75 -7.14 22.74
N LYS B 235 -9.49 -8.39 22.36
CA LYS B 235 -10.37 -9.51 22.68
C LYS B 235 -10.39 -9.72 24.19
N GLY B 236 -11.51 -9.35 24.84
CA GLY B 236 -11.66 -9.47 26.29
C GLY B 236 -10.85 -8.44 27.07
N ALA B 237 -10.85 -7.17 26.62
CA ALA B 237 -10.30 -6.04 27.38
C ALA B 237 -11.27 -5.72 28.51
N ARG B 238 -10.77 -5.72 29.75
CA ARG B 238 -11.62 -5.49 30.91
C ARG B 238 -11.86 -3.99 31.05
N LEU B 239 -12.83 -3.64 31.91
CA LEU B 239 -13.37 -2.28 32.05
C LEU B 239 -12.28 -1.34 32.56
N GLN B 240 -11.38 -1.88 33.40
CA GLN B 240 -10.35 -1.10 34.07
C GLN B 240 -9.21 -0.72 33.13
N GLU B 241 -8.93 -1.56 32.11
CA GLU B 241 -7.82 -1.36 31.18
C GLU B 241 -8.13 -0.24 30.18
N ILE B 242 -9.42 0.05 29.98
CA ILE B 242 -9.84 1.07 29.02
C ILE B 242 -9.67 2.47 29.64
N TYR B 243 -10.10 2.66 30.90
CA TYR B 243 -10.12 3.98 31.55
C TYR B 243 -8.78 4.31 32.24
N ASN B 244 -7.67 3.73 31.76
CA ASN B 244 -6.33 4.08 32.18
C ASN B 244 -5.58 4.55 30.93
#